data_5U3D
#
_entry.id   5U3D
#
_cell.length_a   52.850
_cell.length_b   104.650
_cell.length_c   116.880
_cell.angle_alpha   90.00
_cell.angle_beta   90.00
_cell.angle_gamma   90.00
#
_symmetry.space_group_name_H-M   'P 21 21 21'
#
loop_
_entity.id
_entity.type
_entity.pdbx_description
1 polymer 'MEMAB TRASTUZUMAB FAB LIGHT CHAIN I83E'
2 polymer 'MEMAB TRASTUZUMAB FAB HEAVY CHAIN'
3 polymer 'Protein L'
4 polymer 'Immunoglobulin G binding protein A'
5 non-polymer MESO-ERYTHRITOL
6 water water
#
loop_
_entity_poly.entity_id
_entity_poly.type
_entity_poly.pdbx_seq_one_letter_code
_entity_poly.pdbx_strand_id
1 'polypeptide(L)'
;DIQMTQSPILLSASVGDRVTITCRASQDVNTAVAWYQQRTNGSPRLLIYSASFLYSGVPSRFSGSRSGTDFTLTISSLQP
EDEADYYCQQHYTTPPTFGAGTKVEIKRTVAAPSVFIFPPSDEQLKSGTASVVCLLNNFYPREAKVQWKVDNALQSGNSQ
ESVTEQDSKDSTYSLSSTLTLSKADYEKHKVYACEVTHQGLSSPVTKSFNRGEC
;
A
2 'polypeptide(L)'
;EVQLVESGGGLVQPGGSLRLSCAASGFNIKDTYIHWVRQSPGKGLEWVARIYPTNGYTRYADSVKGRFTISADTSKNTAY
LQMNSLRAEDTAIYYCSRWGGDGFYAMDYWGQGTLVTVSSASTKGPSVFPLAPSSKSTSGGTAALGCLVKDYFPEPVTVS
WNSGALTSGVHTFPAVLQSSGLYSLSSVVTVPSSSLGTQTYICNVNHKPSNTKVDKKVEPKSC
;
B
3 'polypeptide(L)' SGSEVTIKVNLIFADGKIQTAEFKGTFEEATAEAYRYAALLAKVNGEYTADLEDGGNHMNIKFAG E
4 'polypeptide(L)' GSYNKDQQSAFYEILNMPNLNEAQRNGFIQSLKDDPSQSTNVLGEAKKLNESQA C
#
loop_
_chem_comp.id
_chem_comp.type
_chem_comp.name
_chem_comp.formula
MRY non-polymer MESO-ERYTHRITOL 'C4 H10 O4'
#
# COMPACT_ATOMS: atom_id res chain seq x y z
N ASP A 1 1.37 -29.23 15.32
CA ASP A 1 0.93 -27.84 15.19
C ASP A 1 -0.54 -27.78 14.82
N ILE A 2 -1.13 -26.60 14.99
CA ILE A 2 -2.53 -26.35 14.64
C ILE A 2 -2.56 -25.45 13.42
N GLN A 3 -3.35 -25.80 12.43
CA GLN A 3 -3.47 -24.89 11.29
C GLN A 3 -4.81 -24.21 11.29
N MET A 4 -4.84 -23.02 10.72
CA MET A 4 -6.02 -22.19 10.69
C MET A 4 -6.39 -21.99 9.22
N THR A 5 -7.57 -22.44 8.84
CA THR A 5 -7.99 -22.40 7.44
C THR A 5 -8.98 -21.27 7.22
N GLN A 6 -8.57 -20.25 6.47
CA GLN A 6 -9.45 -19.08 6.25
C GLN A 6 -10.19 -19.15 4.92
N SER A 7 -11.45 -18.73 4.95
N SER A 7 -11.43 -18.67 4.93
CA SER A 7 -12.30 -18.70 3.76
CA SER A 7 -12.29 -18.70 3.76
C SER A 7 -13.23 -17.50 3.84
C SER A 7 -13.27 -17.53 3.83
N PRO A 8 -13.63 -16.95 2.67
CA PRO A 8 -13.09 -17.22 1.34
C PRO A 8 -11.73 -16.54 1.23
N ILE A 9 -11.04 -16.70 0.12
N ILE A 9 -11.05 -16.74 0.12
CA ILE A 9 -9.77 -16.00 -0.03
CA ILE A 9 -9.79 -16.04 -0.13
C ILE A 9 -9.99 -14.56 -0.49
C ILE A 9 -10.04 -14.57 -0.41
N LEU A 10 -11.10 -14.32 -1.18
CA LEU A 10 -11.50 -12.97 -1.57
C LEU A 10 -13.00 -12.83 -1.41
N LEU A 11 -13.45 -11.71 -0.85
CA LEU A 11 -14.87 -11.42 -0.71
C LEU A 11 -15.08 -9.96 -1.11
N SER A 12 -16.04 -9.73 -2.00
N SER A 12 -16.02 -9.74 -2.02
CA SER A 12 -16.31 -8.40 -2.52
CA SER A 12 -16.31 -8.39 -2.50
C SER A 12 -17.77 -8.02 -2.25
C SER A 12 -17.76 -8.05 -2.20
N ALA A 13 -18.00 -6.88 -1.61
CA ALA A 13 -19.35 -6.50 -1.19
C ALA A 13 -19.54 -4.98 -1.22
N SER A 14 -20.79 -4.55 -1.31
CA SER A 14 -21.10 -3.12 -1.39
C SER A 14 -21.04 -2.44 -0.02
N VAL A 15 -20.80 -1.13 -0.04
CA VAL A 15 -20.82 -0.34 1.19
C VAL A 15 -22.17 -0.51 1.87
N GLY A 16 -22.14 -0.77 3.18
CA GLY A 16 -23.37 -0.95 3.92
C GLY A 16 -23.83 -2.39 4.06
N ASP A 17 -23.21 -3.30 3.30
CA ASP A 17 -23.53 -4.73 3.36
C ASP A 17 -22.95 -5.37 4.61
N ARG A 18 -23.54 -6.49 5.01
N ARG A 18 -23.53 -6.50 5.00
CA ARG A 18 -22.96 -7.31 6.06
CA ARG A 18 -22.98 -7.32 6.08
C ARG A 18 -22.09 -8.39 5.44
C ARG A 18 -22.10 -8.43 5.48
N VAL A 19 -20.85 -8.49 5.89
CA VAL A 19 -19.94 -9.50 5.38
C VAL A 19 -19.46 -10.42 6.49
N THR A 20 -19.25 -11.67 6.13
CA THR A 20 -18.79 -12.65 7.12
C THR A 20 -17.64 -13.42 6.53
N ILE A 21 -16.55 -13.53 7.28
CA ILE A 21 -15.44 -14.33 6.83
C ILE A 21 -15.13 -15.35 7.91
N THR A 22 -14.48 -16.45 7.53
CA THR A 22 -14.42 -17.59 8.43
C THR A 22 -13.01 -18.12 8.61
N CYS A 23 -12.82 -18.83 9.71
CA CYS A 23 -11.52 -19.35 10.06
C CYS A 23 -11.77 -20.66 10.83
N ARG A 24 -11.16 -21.75 10.37
CA ARG A 24 -11.38 -23.06 10.97
C ARG A 24 -10.08 -23.61 11.55
N ALA A 25 -10.09 -23.95 12.83
CA ALA A 25 -8.95 -24.59 13.46
C ALA A 25 -8.93 -26.10 13.21
N SER A 26 -7.73 -26.66 13.02
CA SER A 26 -7.62 -28.08 12.68
C SER A 26 -7.93 -28.98 13.87
N GLN A 27 -7.96 -28.37 15.07
CA GLN A 27 -8.36 -29.07 16.28
C GLN A 27 -8.82 -28.03 17.30
N ASP A 28 -9.38 -28.50 18.42
CA ASP A 28 -9.89 -27.60 19.46
C ASP A 28 -8.86 -26.54 19.86
N VAL A 29 -9.26 -25.28 19.83
CA VAL A 29 -8.42 -24.21 20.33
C VAL A 29 -9.16 -23.38 21.37
N ASN A 30 -10.23 -23.96 21.94
CA ASN A 30 -11.13 -23.25 22.84
C ASN A 30 -11.51 -21.91 22.20
N THR A 31 -11.37 -20.81 22.92
CA THR A 31 -11.65 -19.49 22.33
C THR A 31 -10.39 -18.70 21.99
N ALA A 32 -9.25 -19.37 21.93
CA ALA A 32 -7.97 -18.64 21.81
C ALA A 32 -7.67 -18.18 20.39
N VAL A 33 -8.55 -17.34 19.83
CA VAL A 33 -8.42 -16.88 18.46
C VAL A 33 -8.59 -15.37 18.39
N ALA A 34 -7.69 -14.70 17.69
CA ALA A 34 -7.76 -13.27 17.45
C ALA A 34 -7.89 -12.97 15.98
N TRP A 35 -8.48 -11.82 15.67
CA TRP A 35 -8.59 -11.34 14.30
C TRP A 35 -7.84 -10.03 14.13
N TYR A 36 -7.04 -9.95 13.06
CA TYR A 36 -6.28 -8.75 12.72
C TYR A 36 -6.66 -8.20 11.36
N GLN A 37 -6.61 -6.88 11.23
CA GLN A 37 -6.83 -6.20 9.98
C GLN A 37 -5.51 -5.59 9.50
N GLN A 38 -5.24 -5.66 8.21
CA GLN A 38 -4.04 -5.03 7.67
C GLN A 38 -4.33 -4.36 6.36
N ARG A 39 -4.07 -3.06 6.28
CA ARG A 39 -4.34 -2.30 5.06
C ARG A 39 -3.38 -1.12 4.97
N THR A 40 -3.48 -0.39 3.87
CA THR A 40 -2.70 0.82 3.58
C THR A 40 -1.22 0.72 3.98
N ASN A 41 -0.62 -0.44 3.67
CA ASN A 41 0.79 -0.71 3.93
C ASN A 41 1.18 -0.57 5.41
N GLY A 42 0.20 -0.70 6.28
CA GLY A 42 0.44 -0.55 7.70
C GLY A 42 0.65 -1.87 8.40
N SER A 43 0.83 -1.80 9.71
N SER A 43 0.84 -1.80 9.71
CA SER A 43 0.99 -2.98 10.53
CA SER A 43 1.02 -3.01 10.51
C SER A 43 -0.37 -3.61 10.83
C SER A 43 -0.35 -3.60 10.83
N PRO A 44 -0.39 -4.89 11.22
CA PRO A 44 -1.67 -5.50 11.59
C PRO A 44 -2.32 -4.77 12.77
N ARG A 45 -3.64 -4.64 12.71
CA ARG A 45 -4.44 -4.03 13.77
C ARG A 45 -5.32 -5.08 14.43
N LEU A 46 -5.22 -5.22 15.74
CA LEU A 46 -6.11 -6.14 16.47
C LEU A 46 -7.56 -5.65 16.45
N LEU A 47 -8.48 -6.52 16.04
CA LEU A 47 -9.90 -6.20 16.01
C LEU A 47 -10.64 -6.90 17.15
N ILE A 48 -10.45 -8.21 17.19
CA ILE A 48 -11.20 -9.11 18.07
C ILE A 48 -10.20 -10.04 18.76
N TYR A 49 -10.35 -10.24 20.06
CA TYR A 49 -9.51 -11.23 20.74
C TYR A 49 -10.39 -12.23 21.50
N SER A 50 -9.82 -13.38 21.84
CA SER A 50 -10.53 -14.45 22.54
C SER A 50 -11.89 -14.74 21.86
N ALA A 51 -11.82 -14.80 20.53
CA ALA A 51 -12.91 -15.18 19.61
C ALA A 51 -14.03 -14.15 19.43
N SER A 52 -14.41 -13.44 20.49
CA SER A 52 -15.61 -12.61 20.42
C SER A 52 -15.54 -11.27 21.11
N PHE A 53 -14.38 -10.90 21.62
CA PHE A 53 -14.29 -9.64 22.35
C PHE A 53 -13.66 -8.54 21.53
N LEU A 54 -14.35 -7.40 21.54
CA LEU A 54 -13.97 -6.27 20.71
C LEU A 54 -12.87 -5.49 21.39
N TYR A 55 -11.77 -5.27 20.69
CA TYR A 55 -10.68 -4.53 21.30
C TYR A 55 -11.02 -3.04 21.38
N SER A 56 -10.51 -2.38 22.42
CA SER A 56 -10.82 -0.99 22.67
C SER A 56 -10.54 -0.11 21.45
N GLY A 57 -11.50 0.71 21.08
CA GLY A 57 -11.33 1.64 19.99
C GLY A 57 -11.71 1.11 18.61
N VAL A 58 -12.01 -0.18 18.53
CA VAL A 58 -12.40 -0.80 17.27
C VAL A 58 -13.89 -0.54 17.06
N PRO A 59 -14.29 -0.14 15.84
CA PRO A 59 -15.70 0.18 15.59
C PRO A 59 -16.63 -0.99 15.92
N SER A 60 -17.82 -0.65 16.43
CA SER A 60 -18.77 -1.66 16.89
C SER A 60 -19.34 -2.53 15.76
N ARG A 61 -19.09 -2.14 14.51
CA ARG A 61 -19.59 -2.93 13.38
C ARG A 61 -18.81 -4.24 13.24
N PHE A 62 -17.67 -4.35 13.93
CA PHE A 62 -16.91 -5.60 13.93
C PHE A 62 -17.37 -6.51 15.06
N SER A 63 -17.61 -7.79 14.75
CA SER A 63 -17.92 -8.77 15.78
C SER A 63 -17.33 -10.13 15.42
N GLY A 64 -17.13 -10.98 16.42
CA GLY A 64 -16.61 -12.31 16.17
C GLY A 64 -17.41 -13.34 16.92
N SER A 65 -17.48 -14.56 16.38
N SER A 65 -17.46 -14.56 16.39
CA SER A 65 -18.16 -15.65 17.08
CA SER A 65 -18.16 -15.65 17.08
C SER A 65 -17.40 -16.96 16.91
C SER A 65 -17.44 -16.97 16.89
N ARG A 66 -17.76 -17.94 17.74
CA ARG A 66 -17.17 -19.26 17.67
C ARG A 66 -18.24 -20.33 17.72
N SER A 67 -18.09 -21.36 16.89
CA SER A 67 -18.88 -22.57 17.01
C SER A 67 -17.94 -23.76 16.86
N GLY A 68 -17.56 -24.38 17.98
CA GLY A 68 -16.60 -25.47 17.97
C GLY A 68 -15.27 -24.98 17.45
N THR A 69 -14.78 -25.55 16.35
CA THR A 69 -13.52 -25.09 15.77
C THR A 69 -13.72 -24.08 14.64
N ASP A 70 -14.96 -23.63 14.45
CA ASP A 70 -15.28 -22.63 13.40
C ASP A 70 -15.40 -21.23 13.98
N PHE A 71 -14.62 -20.30 13.44
CA PHE A 71 -14.62 -18.93 13.94
C PHE A 71 -15.07 -17.99 12.83
N THR A 72 -15.88 -17.00 13.17
CA THR A 72 -16.32 -16.04 12.16
C THR A 72 -16.03 -14.62 12.60
N LEU A 73 -15.71 -13.80 11.63
CA LEU A 73 -15.62 -12.36 11.80
C LEU A 73 -16.69 -11.74 10.93
N THR A 74 -17.50 -10.87 11.50
CA THR A 74 -18.57 -10.25 10.75
C THR A 74 -18.43 -8.74 10.79
N ILE A 75 -18.56 -8.09 9.63
CA ILE A 75 -18.66 -6.64 9.58
C ILE A 75 -20.08 -6.28 9.18
N SER A 76 -20.82 -5.60 10.06
CA SER A 76 -22.27 -5.50 9.90
C SER A 76 -22.72 -4.47 8.87
N SER A 77 -21.88 -3.47 8.63
CA SER A 77 -22.17 -2.39 7.69
C SER A 77 -20.87 -1.93 7.07
N LEU A 78 -20.48 -2.60 5.99
CA LEU A 78 -19.17 -2.44 5.39
C LEU A 78 -18.88 -1.01 4.94
N GLN A 79 -17.75 -0.47 5.39
CA GLN A 79 -17.34 0.89 5.04
C GLN A 79 -16.18 0.83 4.07
N PRO A 80 -16.00 1.89 3.25
CA PRO A 80 -14.93 1.85 2.25
C PRO A 80 -13.56 1.62 2.88
N GLU A 81 -13.35 2.18 4.08
CA GLU A 81 -12.05 2.04 4.75
C GLU A 81 -11.85 0.66 5.39
N ASP A 82 -12.84 -0.23 5.20
CA ASP A 82 -12.70 -1.60 5.69
C ASP A 82 -12.04 -2.53 4.66
N GLU A 83 -11.77 -2.01 3.47
CA GLU A 83 -11.06 -2.80 2.48
C GLU A 83 -9.68 -3.14 3.08
N ALA A 84 -9.35 -4.42 3.11
CA ALA A 84 -8.17 -4.86 3.86
C ALA A 84 -7.96 -6.35 3.69
N ASP A 85 -6.81 -6.81 4.17
CA ASP A 85 -6.60 -8.22 4.45
C ASP A 85 -6.95 -8.47 5.90
N TYR A 86 -7.64 -9.59 6.17
CA TYR A 86 -7.99 -9.99 7.53
C TYR A 86 -7.36 -11.34 7.86
N TYR A 87 -6.72 -11.44 9.02
CA TYR A 87 -6.04 -12.66 9.45
C TYR A 87 -6.55 -13.14 10.79
N CYS A 88 -6.81 -14.44 10.93
CA CYS A 88 -7.04 -15.01 12.25
C CYS A 88 -5.75 -15.62 12.78
N GLN A 89 -5.67 -15.78 14.09
CA GLN A 89 -4.49 -16.37 14.71
C GLN A 89 -4.87 -17.12 15.97
N GLN A 90 -4.41 -18.36 16.12
CA GLN A 90 -4.66 -19.10 17.37
C GLN A 90 -3.42 -19.03 18.28
N HIS A 91 -3.65 -19.02 19.60
CA HIS A 91 -2.58 -19.02 20.58
C HIS A 91 -2.77 -20.17 21.56
N TYR A 92 -3.62 -21.12 21.19
CA TYR A 92 -3.89 -22.25 22.07
C TYR A 92 -2.65 -23.13 22.26
N THR A 93 -1.92 -23.36 21.17
CA THR A 93 -0.64 -24.08 21.28
C THR A 93 0.47 -23.34 20.56
N THR A 94 1.71 -23.64 20.95
CA THR A 94 2.90 -23.11 20.27
C THR A 94 3.35 -24.11 19.20
N PRO A 95 3.65 -23.63 17.98
CA PRO A 95 3.68 -22.23 17.53
C PRO A 95 2.29 -21.61 17.36
N PRO A 96 2.14 -20.34 17.75
CA PRO A 96 0.92 -19.63 17.38
C PRO A 96 0.89 -19.57 15.86
N THR A 97 -0.26 -19.83 15.25
CA THR A 97 -0.31 -19.86 13.81
C THR A 97 -1.38 -18.93 13.27
N PHE A 98 -1.14 -18.43 12.07
CA PHE A 98 -2.09 -17.52 11.40
C PHE A 98 -2.82 -18.22 10.25
N GLY A 99 -4.06 -17.81 10.02
CA GLY A 99 -4.74 -18.11 8.76
C GLY A 99 -4.00 -17.43 7.63
N ALA A 100 -4.25 -17.86 6.40
CA ALA A 100 -3.56 -17.32 5.23
C ALA A 100 -4.15 -15.98 4.77
N GLY A 101 -5.26 -15.58 5.38
CA GLY A 101 -5.83 -14.28 5.11
C GLY A 101 -7.03 -14.31 4.18
N THR A 102 -7.95 -13.37 4.41
CA THR A 102 -9.05 -13.09 3.50
C THR A 102 -8.96 -11.63 3.09
N LYS A 103 -9.00 -11.38 1.79
CA LYS A 103 -9.03 -10.02 1.30
C LYS A 103 -10.48 -9.60 1.10
N VAL A 104 -10.86 -8.45 1.68
CA VAL A 104 -12.18 -7.85 1.45
C VAL A 104 -12.04 -6.64 0.50
N GLU A 105 -12.80 -6.66 -0.58
N GLU A 105 -12.80 -6.68 -0.58
N GLU A 105 -12.79 -6.67 -0.60
CA GLU A 105 -12.82 -5.55 -1.53
CA GLU A 105 -12.85 -5.59 -1.56
CA GLU A 105 -12.83 -5.58 -1.56
C GLU A 105 -14.21 -4.94 -1.58
C GLU A 105 -14.21 -4.92 -1.50
C GLU A 105 -14.21 -4.94 -1.59
N ILE A 106 -14.27 -3.65 -1.91
CA ILE A 106 -15.54 -2.95 -1.94
C ILE A 106 -16.10 -2.96 -3.36
N LYS A 107 -17.34 -3.37 -3.50
CA LYS A 107 -18.08 -3.24 -4.76
C LYS A 107 -18.68 -1.86 -4.86
N ARG A 108 -18.59 -1.23 -6.03
CA ARG A 108 -19.19 0.07 -6.26
C ARG A 108 -19.54 0.24 -7.74
N THR A 109 -20.13 1.38 -8.07
CA THR A 109 -20.53 1.64 -9.45
C THR A 109 -19.30 1.70 -10.37
N VAL A 110 -19.51 1.34 -11.62
CA VAL A 110 -18.43 1.37 -12.60
C VAL A 110 -18.00 2.83 -12.84
N ALA A 111 -16.70 3.05 -12.95
CA ALA A 111 -16.15 4.36 -13.30
C ALA A 111 -15.02 4.20 -14.30
N ALA A 112 -15.13 4.87 -15.45
CA ALA A 112 -14.09 4.78 -16.46
C ALA A 112 -12.86 5.54 -16.00
N PRO A 113 -11.66 5.08 -16.40
CA PRO A 113 -10.45 5.78 -15.97
C PRO A 113 -10.19 7.07 -16.73
N SER A 114 -9.54 8.05 -16.09
CA SER A 114 -8.88 9.14 -16.82
C SER A 114 -7.56 8.58 -17.33
N VAL A 115 -7.30 8.73 -18.63
CA VAL A 115 -6.13 8.10 -19.23
C VAL A 115 -5.15 9.18 -19.68
N PHE A 116 -3.91 9.10 -19.18
CA PHE A 116 -2.89 10.12 -19.44
C PHE A 116 -1.61 9.43 -19.86
N ILE A 117 -0.76 10.14 -20.59
CA ILE A 117 0.48 9.55 -21.00
C ILE A 117 1.63 10.54 -20.82
N PHE A 118 2.79 10.03 -20.43
CA PHE A 118 3.99 10.82 -20.19
C PHE A 118 5.16 10.32 -21.01
N PRO A 119 5.67 11.14 -21.94
CA PRO A 119 6.90 10.79 -22.64
C PRO A 119 8.08 10.66 -21.68
N PRO A 120 9.18 10.05 -22.12
CA PRO A 120 10.39 10.12 -21.30
C PRO A 120 10.81 11.56 -21.06
N SER A 121 11.33 11.84 -19.86
CA SER A 121 11.86 13.17 -19.56
C SER A 121 13.14 13.44 -20.34
N ASP A 122 13.41 14.72 -20.59
CA ASP A 122 14.68 15.11 -21.19
C ASP A 122 15.85 14.66 -20.32
N GLU A 123 15.64 14.69 -19.00
CA GLU A 123 16.67 14.27 -18.05
C GLU A 123 17.06 12.81 -18.22
N GLN A 124 16.06 11.94 -18.37
CA GLN A 124 16.32 10.51 -18.58
C GLN A 124 16.97 10.29 -19.93
N LEU A 125 16.48 11.02 -20.93
CA LEU A 125 17.00 10.85 -22.28
C LEU A 125 18.46 11.30 -22.42
N LYS A 126 19.03 11.95 -21.41
CA LYS A 126 20.46 12.27 -21.48
C LYS A 126 21.29 11.00 -21.52
N SER A 127 20.82 9.98 -20.79
CA SER A 127 21.52 8.69 -20.76
C SER A 127 20.80 7.69 -21.67
N GLY A 128 20.93 6.40 -21.38
CA GLY A 128 20.68 5.41 -22.41
C GLY A 128 19.34 4.72 -22.47
N THR A 129 18.40 5.10 -21.62
CA THR A 129 17.11 4.40 -21.54
C THR A 129 15.94 5.38 -21.62
N ALA A 130 14.82 4.90 -22.15
CA ALA A 130 13.59 5.70 -22.21
C ALA A 130 12.43 4.98 -21.53
N SER A 131 11.78 5.67 -20.60
CA SER A 131 10.57 5.14 -19.96
C SER A 131 9.36 5.95 -20.35
N VAL A 132 8.35 5.29 -20.91
CA VAL A 132 7.07 5.92 -21.27
C VAL A 132 5.99 5.46 -20.31
N VAL A 133 5.25 6.40 -19.70
CA VAL A 133 4.30 6.01 -18.66
C VAL A 133 2.88 6.30 -19.09
N CYS A 134 2.04 5.27 -19.00
CA CYS A 134 0.61 5.41 -19.21
C CYS A 134 -0.09 5.31 -17.87
N LEU A 135 -0.95 6.28 -17.59
CA LEU A 135 -1.63 6.38 -16.30
C LEU A 135 -3.14 6.22 -16.48
N LEU A 136 -3.72 5.29 -15.73
CA LEU A 136 -5.17 5.12 -15.68
C LEU A 136 -5.62 5.54 -14.29
N ASN A 137 -6.36 6.63 -14.19
CA ASN A 137 -6.65 7.18 -12.86
C ASN A 137 -8.09 7.01 -12.40
N ASN A 138 -8.24 6.49 -11.18
CA ASN A 138 -9.48 6.51 -10.42
C ASN A 138 -10.61 5.82 -11.14
N PHE A 139 -10.46 4.52 -11.35
CA PHE A 139 -11.45 3.71 -12.07
C PHE A 139 -11.95 2.52 -11.26
N TYR A 140 -13.04 1.93 -11.73
CA TYR A 140 -13.63 0.73 -11.12
C TYR A 140 -14.48 0.02 -12.17
N PRO A 141 -14.40 -1.34 -12.26
CA PRO A 141 -13.61 -2.29 -11.48
C PRO A 141 -12.13 -2.31 -11.84
N ARG A 142 -11.36 -3.13 -11.11
CA ARG A 142 -9.90 -3.14 -11.28
C ARG A 142 -9.45 -3.67 -12.65
N GLU A 143 -10.24 -4.57 -13.21
CA GLU A 143 -9.88 -5.18 -14.49
C GLU A 143 -9.77 -4.13 -15.60
N ALA A 144 -8.62 -4.12 -16.27
CA ALA A 144 -8.37 -3.20 -17.36
C ALA A 144 -7.31 -3.81 -18.27
N LYS A 145 -7.38 -3.51 -19.55
CA LYS A 145 -6.41 -3.98 -20.51
C LYS A 145 -5.68 -2.78 -21.09
N VAL A 146 -4.36 -2.80 -21.00
CA VAL A 146 -3.52 -1.72 -21.48
C VAL A 146 -2.52 -2.28 -22.47
N GLN A 147 -2.58 -1.82 -23.71
CA GLN A 147 -1.64 -2.27 -24.72
C GLN A 147 -0.84 -1.10 -25.29
N TRP A 148 0.42 -1.37 -25.57
CA TRP A 148 1.33 -0.39 -26.12
C TRP A 148 1.53 -0.60 -27.61
N LYS A 149 1.51 0.50 -28.36
CA LYS A 149 1.87 0.47 -29.76
C LYS A 149 2.94 1.53 -30.04
N VAL A 150 3.92 1.16 -30.85
CA VAL A 150 4.98 2.07 -31.24
C VAL A 150 5.00 2.09 -32.76
N ASP A 151 4.79 3.27 -33.35
CA ASP A 151 4.56 3.37 -34.79
C ASP A 151 3.56 2.29 -35.21
N ASN A 152 2.52 2.14 -34.40
CA ASN A 152 1.39 1.24 -34.65
C ASN A 152 1.75 -0.25 -34.57
N ALA A 153 2.95 -0.55 -34.08
CA ALA A 153 3.36 -1.93 -33.85
C ALA A 153 3.04 -2.33 -32.42
N LEU A 154 2.27 -3.40 -32.25
CA LEU A 154 1.90 -3.87 -30.93
C LEU A 154 3.16 -4.31 -30.18
N GLN A 155 3.31 -3.80 -28.96
CA GLN A 155 4.47 -4.14 -28.13
C GLN A 155 4.15 -5.33 -27.23
N SER A 156 5.18 -6.11 -26.94
CA SER A 156 5.04 -7.24 -26.06
C SER A 156 6.33 -7.48 -25.30
N GLY A 157 6.21 -7.74 -24.00
CA GLY A 157 7.35 -8.14 -23.20
C GLY A 157 8.19 -7.00 -22.63
N ASN A 158 7.86 -5.76 -22.99
CA ASN A 158 8.66 -4.62 -22.56
C ASN A 158 7.89 -3.58 -21.76
N SER A 159 6.78 -3.98 -21.15
CA SER A 159 6.03 -3.10 -20.26
C SER A 159 5.71 -3.78 -18.94
N GLN A 160 5.58 -3.00 -17.88
CA GLN A 160 5.14 -3.54 -16.59
C GLN A 160 4.03 -2.68 -15.99
N GLU A 161 3.11 -3.33 -15.29
CA GLU A 161 1.99 -2.66 -14.64
C GLU A 161 2.15 -2.63 -13.13
N SER A 162 1.65 -1.57 -12.52
CA SER A 162 1.46 -1.51 -11.07
C SER A 162 0.08 -0.93 -10.78
N VAL A 163 -0.56 -1.43 -9.72
N VAL A 163 -0.55 -1.41 -9.72
CA VAL A 163 -1.91 -0.97 -9.35
CA VAL A 163 -1.89 -0.94 -9.37
C VAL A 163 -1.96 -0.55 -7.88
C VAL A 163 -1.97 -0.55 -7.89
N THR A 164 -2.63 0.56 -7.59
CA THR A 164 -2.75 1.02 -6.21
C THR A 164 -3.77 0.19 -5.45
N GLU A 165 -3.64 0.24 -4.12
CA GLU A 165 -4.64 -0.30 -3.22
C GLU A 165 -5.95 0.44 -3.43
N GLN A 166 -7.06 -0.29 -3.31
CA GLN A 166 -8.38 0.33 -3.41
C GLN A 166 -8.49 1.58 -2.52
N ASP A 167 -8.94 2.68 -3.10
CA ASP A 167 -8.96 3.97 -2.39
C ASP A 167 -9.85 3.92 -1.13
N SER A 168 -9.33 4.47 -0.03
CA SER A 168 -10.00 4.44 1.26
C SER A 168 -11.33 5.16 1.31
N LYS A 169 -11.52 6.11 0.40
CA LYS A 169 -12.73 6.92 0.38
C LYS A 169 -13.68 6.59 -0.77
N ASP A 170 -13.17 6.53 -1.99
CA ASP A 170 -14.07 6.34 -3.14
C ASP A 170 -13.95 4.97 -3.78
N SER A 171 -13.13 4.11 -3.16
CA SER A 171 -13.03 2.70 -3.57
C SER A 171 -12.59 2.50 -5.03
N THR A 172 -11.88 3.46 -5.61
CA THR A 172 -11.37 3.27 -6.97
C THR A 172 -9.94 2.73 -6.98
N TYR A 173 -9.48 2.37 -8.16
CA TYR A 173 -8.11 1.96 -8.41
C TYR A 173 -7.43 2.95 -9.32
N SER A 174 -6.10 2.97 -9.28
CA SER A 174 -5.34 3.61 -10.34
C SER A 174 -4.26 2.64 -10.81
N LEU A 175 -3.80 2.82 -12.04
CA LEU A 175 -2.87 1.87 -12.63
C LEU A 175 -1.84 2.60 -13.45
N SER A 176 -0.59 2.18 -13.36
CA SER A 176 0.42 2.68 -14.27
C SER A 176 0.90 1.55 -15.16
N SER A 177 1.11 1.84 -16.43
CA SER A 177 1.83 0.94 -17.31
C SER A 177 3.07 1.66 -17.84
N THR A 178 4.22 1.04 -17.66
CA THR A 178 5.48 1.66 -18.06
C THR A 178 6.16 0.86 -19.15
N LEU A 179 6.35 1.51 -20.30
CA LEU A 179 7.06 0.92 -21.44
C LEU A 179 8.53 1.31 -21.35
N THR A 180 9.43 0.32 -21.40
CA THR A 180 10.85 0.61 -21.34
C THR A 180 11.52 0.28 -22.66
N LEU A 181 12.23 1.27 -23.21
CA LEU A 181 12.98 1.12 -24.44
C LEU A 181 14.38 1.69 -24.28
N SER A 182 15.32 1.25 -25.10
CA SER A 182 16.60 1.94 -25.17
C SER A 182 16.36 3.33 -25.77
N LYS A 183 17.19 4.28 -25.38
CA LYS A 183 17.12 5.63 -25.91
C LYS A 183 17.26 5.59 -27.42
N ALA A 184 18.16 4.74 -27.90
CA ALA A 184 18.36 4.58 -29.34
C ALA A 184 17.06 4.16 -30.06
N ASP A 185 16.36 3.18 -29.50
CA ASP A 185 15.11 2.72 -30.11
C ASP A 185 14.02 3.77 -30.00
N TYR A 186 13.95 4.46 -28.86
CA TYR A 186 12.96 5.50 -28.69
C TYR A 186 13.13 6.57 -29.76
N GLU A 187 14.38 6.90 -30.06
CA GLU A 187 14.67 7.96 -31.03
C GLU A 187 14.45 7.51 -32.48
N LYS A 188 14.29 6.21 -32.68
CA LYS A 188 14.10 5.67 -34.02
C LYS A 188 12.63 5.68 -34.45
N HIS A 189 11.73 5.86 -33.48
CA HIS A 189 10.31 5.78 -33.77
C HIS A 189 9.57 7.06 -33.43
N LYS A 190 8.34 7.19 -33.92
CA LYS A 190 7.62 8.46 -33.82
C LYS A 190 6.42 8.41 -32.90
N VAL A 191 5.53 7.46 -33.14
CA VAL A 191 4.24 7.47 -32.47
C VAL A 191 4.21 6.47 -31.31
N TYR A 192 3.90 7.00 -30.12
CA TYR A 192 3.83 6.20 -28.90
C TYR A 192 2.42 6.26 -28.36
N ALA A 193 1.78 5.09 -28.26
CA ALA A 193 0.36 5.04 -27.96
C ALA A 193 0.03 3.98 -26.94
N CYS A 194 -0.78 4.40 -25.97
N CYS A 194 -0.82 4.37 -26.01
CA CYS A 194 -1.32 3.56 -24.92
CA CYS A 194 -1.30 3.44 -25.01
C CYS A 194 -2.81 3.32 -25.20
C CYS A 194 -2.80 3.29 -25.16
N GLU A 195 -3.24 2.07 -25.39
CA GLU A 195 -4.64 1.79 -25.64
C GLU A 195 -5.29 1.09 -24.46
N VAL A 196 -6.38 1.67 -23.99
CA VAL A 196 -7.01 1.22 -22.76
C VAL A 196 -8.40 0.68 -23.01
N THR A 197 -8.63 -0.56 -22.56
CA THR A 197 -9.95 -1.17 -22.62
C THR A 197 -10.46 -1.33 -21.20
N HIS A 198 -11.66 -0.82 -20.94
CA HIS A 198 -12.24 -0.89 -19.60
C HIS A 198 -13.76 -0.91 -19.69
N GLN A 199 -14.40 -1.63 -18.77
CA GLN A 199 -15.86 -1.77 -18.76
C GLN A 199 -16.61 -0.44 -18.81
N GLY A 200 -16.03 0.60 -18.23
CA GLY A 200 -16.67 1.90 -18.14
C GLY A 200 -16.59 2.71 -19.42
N LEU A 201 -15.75 2.29 -20.36
CA LEU A 201 -15.56 2.98 -21.64
C LEU A 201 -16.39 2.33 -22.74
N SER A 202 -17.07 3.14 -23.55
CA SER A 202 -17.95 2.55 -24.57
C SER A 202 -17.14 1.88 -25.69
N SER A 203 -15.88 2.30 -25.85
CA SER A 203 -14.95 1.59 -26.73
C SER A 203 -13.52 1.98 -26.29
N PRO A 204 -12.51 1.21 -26.71
CA PRO A 204 -11.16 1.48 -26.20
C PRO A 204 -10.68 2.89 -26.47
N VAL A 205 -9.89 3.41 -25.54
CA VAL A 205 -9.35 4.76 -25.62
C VAL A 205 -7.86 4.69 -25.92
N THR A 206 -7.44 5.39 -26.97
CA THR A 206 -6.02 5.48 -27.25
C THR A 206 -5.51 6.87 -26.85
N LYS A 207 -4.46 6.88 -26.04
CA LYS A 207 -3.78 8.12 -25.68
C LYS A 207 -2.40 8.05 -26.28
N SER A 208 -2.00 9.07 -27.02
CA SER A 208 -0.73 8.97 -27.73
C SER A 208 -0.02 10.30 -27.87
N PHE A 209 1.26 10.23 -28.22
CA PHE A 209 2.02 11.42 -28.56
C PHE A 209 3.03 11.09 -29.65
N ASN A 210 3.44 12.11 -30.40
CA ASN A 210 4.58 11.98 -31.29
C ASN A 210 5.84 12.43 -30.56
N ARG A 211 6.89 11.61 -30.60
CA ARG A 211 8.17 12.02 -30.02
C ARG A 211 8.56 13.39 -30.57
N GLY A 212 8.88 14.33 -29.69
CA GLY A 212 9.32 15.63 -30.14
C GLY A 212 8.27 16.72 -30.09
N GLU A 213 7.00 16.33 -29.98
CA GLU A 213 5.91 17.30 -29.92
C GLU A 213 5.91 17.97 -28.55
N CYS A 214 5.40 19.20 -28.49
CA CYS A 214 5.34 19.91 -27.21
C CYS A 214 4.23 19.36 -26.32
N GLU B 1 1.03 6.42 25.89
CA GLU B 1 0.74 5.61 24.72
C GLU B 1 1.74 4.47 24.59
N VAL B 2 1.24 3.25 24.40
CA VAL B 2 2.11 2.12 24.10
C VAL B 2 2.67 2.26 22.68
N GLN B 3 3.96 1.98 22.54
CA GLN B 3 4.61 2.04 21.25
C GLN B 3 5.74 1.02 21.16
N LEU B 4 5.92 0.45 19.97
CA LEU B 4 7.05 -0.43 19.64
C LEU B 4 7.67 0.06 18.36
N VAL B 5 9.00 0.15 18.34
CA VAL B 5 9.73 0.63 17.17
C VAL B 5 10.84 -0.34 16.79
N GLU B 6 10.69 -0.98 15.63
CA GLU B 6 11.75 -1.86 15.12
C GLU B 6 12.82 -1.07 14.40
N SER B 7 14.05 -1.57 14.46
CA SER B 7 15.14 -0.99 13.69
C SER B 7 16.13 -2.10 13.37
N GLY B 8 17.04 -1.85 12.42
CA GLY B 8 18.06 -2.84 12.12
C GLY B 8 17.95 -3.55 10.78
N GLY B 9 16.79 -3.45 10.14
CA GLY B 9 16.58 -4.15 8.88
C GLY B 9 17.44 -3.56 7.79
N GLY B 10 17.87 -4.40 6.85
CA GLY B 10 18.64 -3.92 5.72
C GLY B 10 18.95 -5.05 4.78
N LEU B 11 19.79 -4.75 3.80
CA LEU B 11 20.24 -5.74 2.83
C LEU B 11 21.39 -6.57 3.38
N VAL B 12 21.29 -7.89 3.25
CA VAL B 12 22.35 -8.79 3.70
C VAL B 12 22.53 -9.91 2.67
N GLN B 13 23.76 -10.37 2.47
CA GLN B 13 24.01 -11.47 1.55
C GLN B 13 23.51 -12.79 2.14
N PRO B 14 23.13 -13.74 1.28
CA PRO B 14 22.85 -15.11 1.76
C PRO B 14 24.00 -15.62 2.62
N GLY B 15 23.67 -16.22 3.74
CA GLY B 15 24.66 -16.71 4.69
C GLY B 15 25.08 -15.66 5.69
N GLY B 16 24.62 -14.43 5.50
CA GLY B 16 25.05 -13.34 6.35
C GLY B 16 24.27 -13.19 7.65
N SER B 17 24.64 -12.17 8.42
CA SER B 17 24.04 -11.90 9.73
C SER B 17 23.50 -10.47 9.84
N LEU B 18 22.42 -10.33 10.61
CA LEU B 18 21.77 -9.05 10.89
C LEU B 18 21.22 -9.06 12.32
N ARG B 19 21.16 -7.91 12.98
CA ARG B 19 20.54 -7.85 14.31
C ARG B 19 19.45 -6.81 14.32
N LEU B 20 18.22 -7.21 14.64
CA LEU B 20 17.11 -6.27 14.77
C LEU B 20 16.89 -5.89 16.22
N SER B 21 16.37 -4.69 16.42
N SER B 21 16.38 -4.69 16.44
CA SER B 21 15.98 -4.22 17.75
CA SER B 21 16.00 -4.28 17.78
C SER B 21 14.52 -3.86 17.77
C SER B 21 14.54 -3.82 17.78
N CYS B 22 13.91 -3.97 18.94
CA CYS B 22 12.51 -3.60 19.13
C CYS B 22 12.46 -2.80 20.40
N ALA B 23 12.36 -1.48 20.27
CA ALA B 23 12.36 -0.58 21.43
C ALA B 23 10.94 -0.28 21.89
N ALA B 24 10.64 -0.60 23.14
CA ALA B 24 9.29 -0.42 23.66
C ALA B 24 9.20 0.84 24.50
N SER B 25 8.06 1.50 24.46
CA SER B 25 7.82 2.61 25.37
C SER B 25 6.35 2.64 25.78
N GLY B 26 6.07 3.26 26.92
CA GLY B 26 4.69 3.39 27.36
C GLY B 26 4.19 2.18 28.12
N PHE B 27 5.04 1.16 28.23
CA PHE B 27 4.79 -0.03 29.04
C PHE B 27 6.14 -0.70 29.30
N ASN B 28 6.16 -1.66 30.20
CA ASN B 28 7.39 -2.40 30.50
C ASN B 28 7.32 -3.80 29.92
N ILE B 29 8.33 -4.18 29.14
CA ILE B 29 8.30 -5.50 28.51
C ILE B 29 8.44 -6.61 29.56
N LYS B 30 8.81 -6.25 30.78
CA LYS B 30 8.85 -7.21 31.88
C LYS B 30 7.44 -7.71 32.22
N ASP B 31 6.41 -6.99 31.75
CA ASP B 31 5.03 -7.32 32.10
C ASP B 31 4.31 -8.09 31.02
N THR B 32 4.99 -8.36 29.91
CA THR B 32 4.33 -8.96 28.75
C THR B 32 5.20 -9.98 28.05
N TYR B 33 4.63 -10.69 27.08
CA TYR B 33 5.41 -11.40 26.08
C TYR B 33 5.76 -10.44 24.96
N ILE B 34 6.92 -10.65 24.34
CA ILE B 34 7.28 -9.95 23.12
C ILE B 34 7.49 -10.99 22.02
N HIS B 35 6.91 -10.73 20.85
CA HIS B 35 6.97 -11.64 19.70
C HIS B 35 7.64 -10.97 18.52
N TRP B 36 8.26 -11.77 17.64
CA TRP B 36 8.60 -11.33 16.29
C TRP B 36 7.71 -12.09 15.31
N VAL B 37 7.14 -11.36 14.35
CA VAL B 37 6.28 -11.93 13.32
C VAL B 37 6.76 -11.35 12.00
N ARG B 38 6.84 -12.16 10.95
CA ARG B 38 7.32 -11.61 9.69
C ARG B 38 6.34 -11.78 8.55
N GLN B 39 6.59 -11.04 7.49
CA GLN B 39 5.70 -11.04 6.33
C GLN B 39 6.49 -10.85 5.06
N SER B 40 6.57 -11.90 4.25
N SER B 40 6.57 -11.90 4.25
CA SER B 40 7.24 -11.81 2.96
CA SER B 40 7.22 -11.83 2.95
C SER B 40 6.40 -10.89 2.07
C SER B 40 6.39 -10.91 2.06
N PRO B 41 7.07 -10.14 1.18
CA PRO B 41 6.36 -9.18 0.32
C PRO B 41 5.17 -9.81 -0.41
N GLY B 42 3.99 -9.25 -0.13
CA GLY B 42 2.78 -9.70 -0.79
C GLY B 42 2.18 -10.99 -0.23
N LYS B 43 2.71 -11.46 0.89
CA LYS B 43 2.24 -12.70 1.50
C LYS B 43 1.63 -12.49 2.88
N GLY B 44 1.41 -13.59 3.59
CA GLY B 44 0.73 -13.56 4.89
C GLY B 44 1.68 -13.38 6.07
N LEU B 45 1.12 -13.45 7.26
CA LEU B 45 1.89 -13.30 8.50
C LEU B 45 2.43 -14.65 8.96
N GLU B 46 3.67 -14.66 9.43
CA GLU B 46 4.28 -15.89 9.95
C GLU B 46 5.01 -15.63 11.27
N TRP B 47 4.62 -16.36 12.30
CA TRP B 47 5.26 -16.19 13.61
C TRP B 47 6.72 -16.65 13.56
N VAL B 48 7.59 -15.89 14.23
CA VAL B 48 9.03 -16.20 14.21
C VAL B 48 9.55 -16.67 15.57
N ALA B 49 9.26 -15.90 16.62
CA ALA B 49 9.80 -16.21 17.94
C ALA B 49 9.09 -15.41 19.01
N ARG B 50 9.24 -15.84 20.27
CA ARG B 50 8.73 -15.05 21.39
C ARG B 50 9.62 -15.21 22.60
N ILE B 51 9.51 -14.25 23.50
CA ILE B 51 10.27 -14.26 24.75
C ILE B 51 9.39 -13.68 25.85
N TYR B 52 9.58 -14.16 27.07
CA TYR B 52 8.95 -13.55 28.25
C TYR B 52 10.09 -12.93 29.04
N PRO B 53 10.32 -11.61 28.86
CA PRO B 53 11.54 -11.01 29.42
C PRO B 53 11.71 -11.19 30.92
N THR B 54 10.63 -11.27 31.68
CA THR B 54 10.74 -11.45 33.13
C THR B 54 11.53 -12.70 33.53
N ASN B 55 11.42 -13.79 32.76
CA ASN B 55 12.15 -15.00 33.12
C ASN B 55 13.00 -15.59 31.99
N GLY B 56 12.99 -14.93 30.84
CA GLY B 56 13.85 -15.32 29.74
C GLY B 56 13.42 -16.54 28.94
N TYR B 57 12.21 -17.04 29.20
CA TYR B 57 11.67 -18.17 28.45
C TYR B 57 11.44 -17.81 26.99
N THR B 58 11.96 -18.64 26.10
CA THR B 58 11.87 -18.36 24.66
C THR B 58 11.33 -19.54 23.87
N ARG B 59 10.71 -19.24 22.74
CA ARG B 59 10.28 -20.28 21.78
C ARG B 59 10.50 -19.79 20.35
N TYR B 60 10.69 -20.71 19.42
CA TYR B 60 11.02 -20.38 18.03
C TYR B 60 10.21 -21.16 17.01
N ALA B 61 9.97 -20.55 15.85
CA ALA B 61 9.46 -21.29 14.70
C ALA B 61 10.50 -22.30 14.25
N ASP B 62 10.05 -23.48 13.82
CA ASP B 62 10.98 -24.51 13.36
C ASP B 62 11.87 -23.98 12.25
N SER B 63 11.33 -23.11 11.40
CA SER B 63 12.06 -22.63 10.24
C SER B 63 13.24 -21.71 10.58
N VAL B 64 13.31 -21.21 11.81
CA VAL B 64 14.42 -20.32 12.15
C VAL B 64 15.24 -20.82 13.33
N LYS B 65 14.81 -21.91 13.95
CA LYS B 65 15.51 -22.42 15.14
C LYS B 65 16.99 -22.67 14.87
N GLY B 66 17.85 -22.17 15.76
CA GLY B 66 19.28 -22.32 15.59
C GLY B 66 19.93 -21.20 14.78
N ARG B 67 19.19 -20.61 13.85
CA ARG B 67 19.71 -19.52 13.02
C ARG B 67 19.40 -18.16 13.63
N PHE B 68 18.22 -18.04 14.24
CA PHE B 68 17.82 -16.78 14.88
C PHE B 68 17.79 -16.95 16.40
N THR B 69 18.10 -15.90 17.14
CA THR B 69 17.87 -15.91 18.58
C THR B 69 17.17 -14.64 19.01
N ILE B 70 16.20 -14.79 19.92
CA ILE B 70 15.48 -13.67 20.47
C ILE B 70 16.01 -13.40 21.88
N SER B 71 16.07 -12.14 22.27
CA SER B 71 16.55 -11.78 23.59
C SER B 71 15.93 -10.46 24.00
N ALA B 72 16.12 -10.09 25.27
CA ALA B 72 15.57 -8.82 25.74
C ALA B 72 16.49 -8.22 26.78
N ASP B 73 16.51 -6.89 26.83
CA ASP B 73 17.21 -6.16 27.86
C ASP B 73 16.16 -5.31 28.57
N THR B 74 15.71 -5.74 29.73
CA THR B 74 14.61 -5.04 30.39
C THR B 74 15.08 -3.65 30.84
N SER B 75 16.36 -3.51 31.15
CA SER B 75 16.90 -2.21 31.55
C SER B 75 16.82 -1.16 30.42
N LYS B 76 16.77 -1.64 29.16
CA LYS B 76 16.63 -0.73 28.02
C LYS B 76 15.23 -0.84 27.41
N ASN B 77 14.41 -1.70 28.01
CA ASN B 77 13.05 -1.95 27.56
C ASN B 77 13.03 -2.27 26.06
N THR B 78 13.99 -3.09 25.66
CA THR B 78 14.21 -3.40 24.24
C THR B 78 14.35 -4.91 24.05
N ALA B 79 13.78 -5.44 22.96
CA ALA B 79 14.02 -6.83 22.58
C ALA B 79 14.84 -6.89 21.30
N TYR B 80 15.39 -8.05 21.00
CA TYR B 80 16.31 -8.16 19.88
C TYR B 80 16.05 -9.44 19.11
N LEU B 81 16.40 -9.43 17.83
CA LEU B 81 16.43 -10.67 17.04
C LEU B 81 17.75 -10.73 16.29
N GLN B 82 18.59 -11.67 16.69
CA GLN B 82 19.83 -11.95 15.98
C GLN B 82 19.50 -12.91 14.86
N MET B 83 19.92 -12.58 13.64
CA MET B 83 19.59 -13.40 12.49
C MET B 83 20.87 -13.84 11.81
N ASN B 84 21.20 -15.12 11.90
CA ASN B 84 22.38 -15.66 11.23
C ASN B 84 22.01 -16.63 10.13
N SER B 85 22.99 -17.01 9.32
CA SER B 85 22.81 -18.00 8.26
C SER B 85 21.58 -17.66 7.42
N LEU B 86 21.47 -16.40 7.03
CA LEU B 86 20.26 -15.93 6.36
C LEU B 86 20.09 -16.50 4.95
N ARG B 87 18.84 -16.64 4.56
CA ARG B 87 18.49 -17.26 3.28
C ARG B 87 17.51 -16.36 2.56
N ALA B 88 17.45 -16.52 1.24
CA ALA B 88 16.55 -15.70 0.42
C ALA B 88 15.14 -15.67 0.99
N GLU B 89 14.66 -16.81 1.48
CA GLU B 89 13.27 -16.92 1.92
C GLU B 89 13.02 -16.22 3.26
N ASP B 90 14.09 -15.76 3.90
CA ASP B 90 13.96 -14.96 5.13
C ASP B 90 13.64 -13.50 4.81
N THR B 91 13.66 -13.15 3.53
CA THR B 91 13.31 -11.79 3.10
C THR B 91 11.86 -11.46 3.49
N ALA B 92 11.69 -10.36 4.23
CA ALA B 92 10.40 -10.03 4.83
C ALA B 92 10.45 -8.73 5.63
N ILE B 93 9.28 -8.16 5.85
CA ILE B 93 9.12 -7.17 6.90
C ILE B 93 9.04 -7.91 8.23
N TYR B 94 9.86 -7.51 9.18
CA TYR B 94 9.83 -8.09 10.52
C TYR B 94 9.15 -7.11 11.47
N TYR B 95 8.05 -7.56 12.09
CA TYR B 95 7.36 -6.80 13.11
C TYR B 95 7.67 -7.34 14.51
N CYS B 96 7.76 -6.47 15.50
CA CYS B 96 7.65 -6.99 16.86
C CYS B 96 6.28 -6.59 17.42
N SER B 97 5.78 -7.41 18.34
CA SER B 97 4.49 -7.14 18.94
C SER B 97 4.54 -7.55 20.40
N ARG B 98 3.56 -7.11 21.18
CA ARG B 98 3.46 -7.56 22.55
C ARG B 98 2.22 -8.43 22.68
N TRP B 99 2.22 -9.28 23.69
CA TRP B 99 1.09 -10.19 23.96
C TRP B 99 0.90 -10.29 25.46
N GLY B 100 -0.34 -10.20 25.92
CA GLY B 100 -0.62 -10.30 27.33
C GLY B 100 -0.58 -8.96 28.04
N GLY B 101 -0.36 -7.88 27.30
CA GLY B 101 -0.32 -6.57 27.92
C GLY B 101 -1.70 -6.14 28.38
N ASP B 102 -1.79 -5.62 29.61
CA ASP B 102 -3.05 -5.15 30.17
C ASP B 102 -4.07 -6.28 30.25
N GLY B 103 -3.58 -7.52 30.25
CA GLY B 103 -4.46 -8.67 30.35
C GLY B 103 -5.10 -9.11 29.05
N PHE B 104 -4.66 -8.52 27.94
CA PHE B 104 -5.22 -8.87 26.63
C PHE B 104 -4.44 -9.99 25.98
N TYR B 105 -5.09 -11.13 25.86
CA TYR B 105 -4.45 -12.30 25.26
C TYR B 105 -4.45 -12.26 23.73
N ALA B 106 -3.86 -11.20 23.18
CA ALA B 106 -3.70 -11.08 21.74
C ALA B 106 -2.60 -10.05 21.48
N MET B 107 -2.18 -9.91 20.23
CA MET B 107 -1.15 -8.92 19.91
C MET B 107 -1.78 -7.56 19.67
N ASP B 108 -1.90 -6.74 20.72
CA ASP B 108 -2.68 -5.52 20.59
C ASP B 108 -1.86 -4.35 20.08
N TYR B 109 -0.54 -4.40 20.25
CA TYR B 109 0.34 -3.38 19.67
C TYR B 109 1.45 -4.03 18.86
N TRP B 110 1.72 -3.42 17.71
CA TRP B 110 2.73 -3.85 16.75
C TRP B 110 3.62 -2.67 16.41
N GLY B 111 4.88 -2.94 16.07
CA GLY B 111 5.73 -1.89 15.53
C GLY B 111 5.39 -1.60 14.08
N GLN B 112 6.12 -0.66 13.48
CA GLN B 112 5.89 -0.28 12.09
C GLN B 112 6.53 -1.29 11.13
N GLY B 113 7.42 -2.14 11.66
CA GLY B 113 8.08 -3.14 10.85
C GLY B 113 9.41 -2.67 10.27
N THR B 114 10.34 -3.61 10.11
CA THR B 114 11.64 -3.26 9.50
C THR B 114 11.94 -4.31 8.42
N LEU B 115 12.35 -3.85 7.24
CA LEU B 115 12.53 -4.73 6.10
C LEU B 115 13.90 -5.40 6.07
N VAL B 116 13.91 -6.71 5.94
CA VAL B 116 15.15 -7.47 5.76
C VAL B 116 15.16 -8.07 4.35
N THR B 117 16.22 -7.78 3.61
CA THR B 117 16.34 -8.28 2.24
C THR B 117 17.58 -9.15 2.14
N VAL B 118 17.40 -10.42 1.80
CA VAL B 118 18.53 -11.34 1.65
C VAL B 118 18.76 -11.57 0.18
N SER B 119 19.88 -11.03 -0.31
CA SER B 119 20.17 -11.01 -1.73
C SER B 119 21.65 -10.78 -1.96
N SER B 120 22.17 -11.33 -3.05
N SER B 120 22.18 -11.32 -3.06
CA SER B 120 23.57 -11.11 -3.42
CA SER B 120 23.58 -11.10 -3.41
C SER B 120 23.74 -9.80 -4.19
C SER B 120 23.75 -9.80 -4.19
N ALA B 121 22.63 -9.17 -4.54
CA ALA B 121 22.68 -7.94 -5.33
C ALA B 121 23.15 -6.77 -4.48
N SER B 122 23.74 -5.78 -5.14
CA SER B 122 24.32 -4.62 -4.45
C SER B 122 23.32 -3.48 -4.27
N THR B 123 23.56 -2.67 -3.26
CA THR B 123 22.76 -1.46 -3.04
C THR B 123 22.91 -0.52 -4.23
N LYS B 124 21.80 0.09 -4.66
CA LYS B 124 21.84 1.04 -5.76
C LYS B 124 20.80 2.11 -5.51
N GLY B 125 21.23 3.37 -5.54
CA GLY B 125 20.30 4.48 -5.39
C GLY B 125 19.51 4.75 -6.66
N PRO B 126 18.30 5.33 -6.52
CA PRO B 126 17.40 5.57 -7.65
C PRO B 126 17.78 6.80 -8.45
N SER B 127 17.39 6.84 -9.71
CA SER B 127 17.36 8.06 -10.51
C SER B 127 15.94 8.58 -10.41
N VAL B 128 15.78 9.89 -10.21
CA VAL B 128 14.44 10.46 -10.09
C VAL B 128 14.15 11.40 -11.24
N PHE B 129 13.18 11.05 -12.06
CA PHE B 129 12.85 11.80 -13.26
C PHE B 129 11.49 12.44 -13.11
N PRO B 130 11.33 13.65 -13.67
CA PRO B 130 10.00 14.27 -13.69
C PRO B 130 9.02 13.57 -14.63
N LEU B 131 7.77 13.48 -14.21
CA LEU B 131 6.68 13.20 -15.13
C LEU B 131 5.95 14.53 -15.29
N ALA B 132 6.37 15.33 -16.28
CA ALA B 132 5.89 16.69 -16.41
C ALA B 132 4.44 16.75 -16.87
N PRO B 133 3.64 17.64 -16.27
CA PRO B 133 2.26 17.83 -16.74
C PRO B 133 2.31 18.36 -18.16
N SER B 134 1.35 17.98 -18.99
CA SER B 134 1.35 18.44 -20.38
C SER B 134 -0.06 18.40 -20.92
N SER B 135 -0.22 18.73 -22.19
CA SER B 135 -1.52 18.63 -22.84
C SER B 135 -2.03 17.18 -22.82
N LYS B 136 -1.12 16.24 -22.59
CA LYS B 136 -1.44 14.81 -22.64
C LYS B 136 -1.73 14.24 -21.25
N SER B 137 -1.68 15.08 -20.21
CA SER B 137 -1.95 14.61 -18.85
C SER B 137 -3.03 15.46 -18.16
N THR B 138 -3.88 16.09 -18.95
CA THR B 138 -4.92 16.94 -18.37
C THR B 138 -6.29 16.65 -19.00
N SER B 139 -7.32 16.74 -18.17
CA SER B 139 -8.71 16.70 -18.65
C SER B 139 -9.61 17.25 -17.57
N GLY B 140 -10.76 17.82 -17.98
CA GLY B 140 -11.73 18.32 -17.02
C GLY B 140 -11.23 19.43 -16.10
N GLY B 141 -10.15 20.09 -16.49
CA GLY B 141 -9.59 21.17 -15.70
C GLY B 141 -8.63 20.72 -14.61
N THR B 142 -8.23 19.44 -14.64
CA THR B 142 -7.23 18.99 -13.68
C THR B 142 -6.08 18.33 -14.44
N ALA B 143 -4.92 18.30 -13.81
CA ALA B 143 -3.74 17.84 -14.49
C ALA B 143 -2.98 16.90 -13.60
N ALA B 144 -2.42 15.86 -14.23
CA ALA B 144 -1.59 14.90 -13.55
C ALA B 144 -0.11 15.19 -13.83
N LEU B 145 0.70 15.05 -12.78
CA LEU B 145 2.14 15.16 -12.87
C LEU B 145 2.72 14.18 -11.87
N GLY B 146 4.03 13.95 -11.92
CA GLY B 146 4.61 13.01 -10.99
C GLY B 146 6.12 12.88 -11.09
N CYS B 147 6.64 11.81 -10.49
CA CYS B 147 8.05 11.49 -10.48
C CYS B 147 8.20 10.01 -10.73
N LEU B 148 9.13 9.67 -11.61
CA LEU B 148 9.53 8.29 -11.84
C LEU B 148 10.79 8.02 -11.04
N VAL B 149 10.70 7.07 -10.11
CA VAL B 149 11.81 6.71 -9.23
C VAL B 149 12.34 5.37 -9.72
N LYS B 150 13.45 5.40 -10.45
CA LYS B 150 13.83 4.25 -11.27
C LYS B 150 15.18 3.67 -10.91
N ASP B 151 15.25 2.34 -10.94
CA ASP B 151 16.50 1.59 -10.80
C ASP B 151 17.15 1.70 -9.43
N TYR B 152 16.45 1.23 -8.40
CA TYR B 152 17.07 1.17 -7.07
C TYR B 152 16.99 -0.23 -6.48
N PHE B 153 17.84 -0.47 -5.48
CA PHE B 153 17.83 -1.73 -4.74
C PHE B 153 18.55 -1.52 -3.41
N PRO B 154 18.05 -2.11 -2.32
CA PRO B 154 16.80 -2.86 -2.19
C PRO B 154 15.63 -1.92 -1.94
N GLU B 155 14.45 -2.48 -1.67
CA GLU B 155 13.36 -1.70 -1.11
C GLU B 155 13.78 -1.24 0.28
N PRO B 156 13.15 -0.20 0.84
CA PRO B 156 12.06 0.60 0.26
C PRO B 156 12.49 1.99 -0.15
N VAL B 157 11.64 2.66 -0.92
CA VAL B 157 11.78 4.10 -1.10
C VAL B 157 10.52 4.76 -0.55
N THR B 158 10.64 5.98 -0.05
CA THR B 158 9.47 6.75 0.32
C THR B 158 9.36 7.97 -0.59
N VAL B 159 8.13 8.39 -0.87
CA VAL B 159 7.88 9.58 -1.66
C VAL B 159 6.84 10.43 -0.96
N SER B 160 7.12 11.72 -0.81
CA SER B 160 6.09 12.65 -0.38
C SER B 160 6.04 13.78 -1.40
N TRP B 161 5.03 14.63 -1.28
CA TRP B 161 4.92 15.80 -2.15
C TRP B 161 4.91 17.06 -1.30
N ASN B 162 5.69 18.05 -1.72
CA ASN B 162 5.80 19.33 -1.00
C ASN B 162 6.00 19.14 0.50
N SER B 163 6.91 18.23 0.83
CA SER B 163 7.29 17.94 2.21
C SER B 163 6.13 17.46 3.07
N GLY B 164 5.17 16.79 2.45
CA GLY B 164 4.04 16.22 3.17
C GLY B 164 2.81 17.11 3.18
N ALA B 165 2.98 18.34 2.70
CA ALA B 165 1.87 19.29 2.68
C ALA B 165 0.83 18.90 1.64
N LEU B 166 1.26 18.21 0.60
CA LEU B 166 0.34 17.81 -0.46
C LEU B 166 0.07 16.32 -0.38
N THR B 167 -1.16 15.95 -0.03
CA THR B 167 -1.50 14.54 0.12
C THR B 167 -2.71 14.13 -0.70
N SER B 168 -3.65 15.05 -0.88
N SER B 168 -3.65 15.04 -0.88
CA SER B 168 -4.85 14.78 -1.66
CA SER B 168 -4.86 14.77 -1.66
C SER B 168 -4.53 14.55 -3.13
C SER B 168 -4.53 14.55 -3.13
N GLY B 169 -5.13 13.52 -3.72
CA GLY B 169 -4.95 13.25 -5.14
C GLY B 169 -3.62 12.59 -5.49
N VAL B 170 -2.86 12.18 -4.47
CA VAL B 170 -1.58 11.49 -4.69
C VAL B 170 -1.78 9.99 -4.82
N HIS B 171 -1.17 9.40 -5.84
CA HIS B 171 -1.04 7.95 -5.95
C HIS B 171 0.41 7.54 -6.11
N THR B 172 0.97 6.91 -5.08
CA THR B 172 2.32 6.38 -5.17
C THR B 172 2.22 4.89 -5.40
N PHE B 173 2.64 4.44 -6.57
CA PHE B 173 2.42 3.05 -6.96
C PHE B 173 3.36 2.09 -6.26
N PRO B 174 2.87 0.87 -6.02
CA PRO B 174 3.76 -0.17 -5.49
C PRO B 174 4.95 -0.36 -6.41
N ALA B 175 6.13 -0.55 -5.81
CA ALA B 175 7.33 -0.81 -6.61
C ALA B 175 7.18 -2.08 -7.43
N VAL B 176 7.81 -2.11 -8.59
N VAL B 176 7.76 -2.10 -8.61
CA VAL B 176 7.83 -3.30 -9.42
CA VAL B 176 7.84 -3.34 -9.37
C VAL B 176 9.27 -3.71 -9.73
C VAL B 176 9.30 -3.71 -9.56
N LEU B 177 9.58 -5.01 -9.59
CA LEU B 177 10.91 -5.51 -9.90
C LEU B 177 11.09 -5.61 -11.39
N GLN B 178 12.07 -4.88 -11.93
CA GLN B 178 12.34 -4.91 -13.35
C GLN B 178 13.16 -6.16 -13.71
N SER B 179 13.26 -6.45 -15.00
CA SER B 179 14.01 -7.61 -15.47
C SER B 179 15.48 -7.49 -15.08
N SER B 180 15.95 -6.25 -14.92
CA SER B 180 17.31 -5.97 -14.49
C SER B 180 17.58 -6.37 -13.04
N GLY B 181 16.53 -6.65 -12.29
CA GLY B 181 16.67 -6.96 -10.87
C GLY B 181 16.65 -5.72 -10.00
N LEU B 182 16.33 -4.58 -10.61
CA LEU B 182 16.19 -3.30 -9.90
C LEU B 182 14.73 -2.89 -9.82
N TYR B 183 14.37 -2.18 -8.76
CA TYR B 183 13.00 -1.70 -8.59
C TYR B 183 12.78 -0.36 -9.27
N SER B 184 11.52 -0.09 -9.57
CA SER B 184 11.12 1.19 -10.10
C SER B 184 9.69 1.45 -9.67
N LEU B 185 9.36 2.71 -9.42
CA LEU B 185 7.96 3.08 -9.24
C LEU B 185 7.75 4.51 -9.67
N SER B 186 6.50 4.85 -9.91
CA SER B 186 6.13 6.24 -10.10
C SER B 186 5.20 6.70 -8.99
N SER B 187 5.28 7.97 -8.67
CA SER B 187 4.28 8.61 -7.81
C SER B 187 3.64 9.74 -8.61
N VAL B 188 2.32 9.77 -8.68
CA VAL B 188 1.65 10.85 -9.42
C VAL B 188 0.70 11.61 -8.49
N VAL B 189 0.34 12.82 -8.91
CA VAL B 189 -0.60 13.62 -8.17
C VAL B 189 -1.43 14.40 -9.18
N THR B 190 -2.73 14.55 -8.90
N THR B 190 -2.71 14.58 -8.89
CA THR B 190 -3.63 15.32 -9.74
CA THR B 190 -3.57 15.36 -9.78
C THR B 190 -3.94 16.65 -9.07
C THR B 190 -3.96 16.65 -9.10
N VAL B 191 -3.80 17.76 -9.82
CA VAL B 191 -3.95 19.09 -9.26
C VAL B 191 -4.77 19.97 -10.21
N PRO B 192 -5.24 21.14 -9.75
CA PRO B 192 -5.98 21.97 -10.72
C PRO B 192 -5.06 22.44 -11.86
N SER B 193 -5.55 22.37 -13.10
CA SER B 193 -4.80 22.84 -14.25
C SER B 193 -4.32 24.27 -14.05
N SER B 194 -5.16 25.08 -13.44
CA SER B 194 -4.88 26.50 -13.24
C SER B 194 -3.71 26.73 -12.28
N SER B 195 -3.31 25.70 -11.54
CA SER B 195 -2.24 25.87 -10.55
C SER B 195 -0.86 25.65 -11.15
N LEU B 196 -0.81 25.11 -12.36
CA LEU B 196 0.47 24.80 -12.99
C LEU B 196 1.22 26.09 -13.32
N GLY B 197 2.44 26.23 -12.80
CA GLY B 197 3.21 27.44 -13.05
C GLY B 197 3.14 28.43 -11.91
N THR B 198 2.12 28.31 -11.07
CA THR B 198 2.04 29.19 -9.91
C THR B 198 2.34 28.44 -8.62
N GLN B 199 1.82 27.23 -8.49
CA GLN B 199 2.14 26.40 -7.33
C GLN B 199 3.34 25.50 -7.61
N THR B 200 4.30 25.52 -6.71
CA THR B 200 5.47 24.65 -6.86
C THR B 200 5.11 23.22 -6.46
N TYR B 201 5.51 22.26 -7.29
CA TYR B 201 5.35 20.85 -6.99
C TYR B 201 6.70 20.13 -6.98
N ILE B 202 7.03 19.57 -5.82
CA ILE B 202 8.30 18.88 -5.59
C ILE B 202 8.02 17.50 -5.00
N CYS B 203 8.59 16.47 -5.59
CA CYS B 203 8.51 15.16 -4.97
C CYS B 203 9.77 14.94 -4.13
N ASN B 204 9.56 14.52 -2.89
CA ASN B 204 10.64 14.26 -1.96
C ASN B 204 10.86 12.75 -1.90
N VAL B 205 12.00 12.31 -2.42
CA VAL B 205 12.27 10.89 -2.56
C VAL B 205 13.39 10.52 -1.62
N ASN B 206 13.17 9.48 -0.82
CA ASN B 206 14.21 9.03 0.10
C ASN B 206 14.45 7.54 -0.10
N HIS B 207 15.70 7.17 -0.39
CA HIS B 207 16.11 5.78 -0.42
C HIS B 207 17.17 5.64 0.64
N LYS B 208 16.75 5.38 1.86
CA LYS B 208 17.67 5.23 2.98
C LYS B 208 18.78 4.19 2.77
N PRO B 209 18.49 3.03 2.13
CA PRO B 209 19.58 2.06 2.01
C PRO B 209 20.80 2.57 1.23
N SER B 210 20.63 3.58 0.38
CA SER B 210 21.77 4.14 -0.35
C SER B 210 22.08 5.56 0.10
N ASN B 211 21.43 6.00 1.18
CA ASN B 211 21.56 7.38 1.66
C ASN B 211 21.23 8.39 0.56
N THR B 212 20.25 8.05 -0.25
CA THR B 212 19.79 8.93 -1.33
C THR B 212 18.59 9.75 -0.91
N LYS B 213 18.75 11.07 -0.91
CA LYS B 213 17.64 11.98 -0.67
C LYS B 213 17.58 12.97 -1.82
N VAL B 214 16.46 12.95 -2.55
CA VAL B 214 16.28 13.84 -3.70
C VAL B 214 14.96 14.59 -3.60
N ASP B 215 15.03 15.90 -3.82
CA ASP B 215 13.83 16.73 -3.91
C ASP B 215 13.74 17.22 -5.35
N LYS B 216 12.77 16.71 -6.10
CA LYS B 216 12.69 17.01 -7.53
C LYS B 216 11.52 17.92 -7.85
N LYS B 217 11.82 19.11 -8.36
CA LYS B 217 10.77 20.04 -8.77
C LYS B 217 10.24 19.62 -10.14
N VAL B 218 8.91 19.51 -10.24
CA VAL B 218 8.28 19.06 -11.46
C VAL B 218 7.47 20.20 -12.07
N GLU B 219 7.84 20.62 -13.27
CA GLU B 219 7.13 21.72 -13.92
C GLU B 219 6.76 21.37 -15.37
N PRO B 220 5.82 22.13 -15.97
CA PRO B 220 5.43 21.91 -17.36
C PRO B 220 6.62 22.03 -18.31
N LYS B 221 6.60 21.26 -19.39
CA LYS B 221 7.74 21.21 -20.32
C LYS B 221 7.81 22.44 -21.22
N SER C 3 -3.38 -29.19 -9.53
CA SER C 3 -3.23 -27.78 -9.82
C SER C 3 -4.08 -26.95 -8.86
N GLU C 4 -3.78 -25.66 -8.77
N GLU C 4 -3.78 -25.67 -8.76
CA GLU C 4 -4.58 -24.75 -7.97
CA GLU C 4 -4.60 -24.77 -7.95
C GLU C 4 -5.65 -24.11 -8.85
C GLU C 4 -5.64 -24.08 -8.82
N VAL C 5 -6.89 -24.11 -8.37
CA VAL C 5 -7.97 -23.50 -9.13
C VAL C 5 -8.70 -22.50 -8.25
N THR C 6 -9.40 -21.58 -8.92
CA THR C 6 -10.23 -20.62 -8.23
C THR C 6 -11.68 -20.90 -8.59
N ILE C 7 -12.51 -21.14 -7.59
CA ILE C 7 -13.94 -21.21 -7.83
C ILE C 7 -14.53 -19.85 -7.51
N LYS C 8 -15.18 -19.24 -8.50
CA LYS C 8 -15.80 -17.94 -8.31
C LYS C 8 -17.27 -18.12 -7.98
N VAL C 9 -17.75 -17.36 -7.00
CA VAL C 9 -19.10 -17.54 -6.49
C VAL C 9 -19.84 -16.21 -6.44
N ASN C 10 -21.05 -16.18 -7.00
CA ASN C 10 -21.97 -15.07 -6.73
C ASN C 10 -22.84 -15.44 -5.54
N LEU C 11 -22.91 -14.55 -4.55
CA LEU C 11 -23.75 -14.74 -3.39
C LEU C 11 -24.94 -13.84 -3.52
N ILE C 12 -26.13 -14.41 -3.73
CA ILE C 12 -27.31 -13.64 -4.08
C ILE C 12 -28.31 -13.71 -2.94
N PHE C 13 -28.48 -12.60 -2.24
CA PHE C 13 -29.32 -12.62 -1.05
C PHE C 13 -30.78 -12.32 -1.39
N ALA C 14 -31.68 -12.68 -0.48
CA ALA C 14 -33.11 -12.54 -0.74
C ALA C 14 -33.53 -11.11 -1.09
N ASP C 15 -32.82 -10.12 -0.57
CA ASP C 15 -33.21 -8.73 -0.80
C ASP C 15 -32.57 -8.15 -2.05
N GLY C 16 -31.88 -8.99 -2.81
CA GLY C 16 -31.33 -8.57 -4.09
C GLY C 16 -29.90 -8.10 -3.98
N LYS C 17 -29.38 -8.05 -2.77
CA LYS C 17 -27.98 -7.70 -2.59
C LYS C 17 -27.10 -8.82 -3.15
N ILE C 18 -25.97 -8.44 -3.74
CA ILE C 18 -25.09 -9.42 -4.34
C ILE C 18 -23.67 -9.20 -3.84
N GLN C 19 -23.03 -10.27 -3.42
CA GLN C 19 -21.60 -10.24 -3.10
C GLN C 19 -20.93 -11.27 -3.99
N THR C 20 -19.61 -11.19 -4.12
CA THR C 20 -18.88 -12.22 -4.84
C THR C 20 -17.74 -12.70 -3.98
N ALA C 21 -17.34 -13.96 -4.18
CA ALA C 21 -16.28 -14.52 -3.40
C ALA C 21 -15.44 -15.43 -4.27
N GLU C 22 -14.22 -15.69 -3.83
CA GLU C 22 -13.37 -16.66 -4.50
C GLU C 22 -12.87 -17.67 -3.49
N PHE C 23 -12.84 -18.94 -3.89
CA PHE C 23 -12.29 -20.01 -3.09
C PHE C 23 -11.16 -20.66 -3.87
N LYS C 24 -10.01 -20.84 -3.25
CA LYS C 24 -8.87 -21.41 -3.97
C LYS C 24 -8.33 -22.65 -3.27
N GLY C 25 -7.73 -23.53 -4.06
CA GLY C 25 -7.15 -24.77 -3.55
C GLY C 25 -7.24 -25.78 -4.67
N THR C 26 -7.18 -27.06 -4.36
CA THR C 26 -7.52 -28.06 -5.37
C THR C 26 -8.99 -27.88 -5.70
N PHE C 27 -9.45 -28.45 -6.81
CA PHE C 27 -10.84 -28.28 -7.18
C PHE C 27 -11.76 -28.81 -6.09
N GLU C 28 -11.37 -29.93 -5.50
CA GLU C 28 -12.18 -30.58 -4.48
C GLU C 28 -12.14 -29.80 -3.16
N GLU C 29 -10.98 -29.25 -2.79
CA GLU C 29 -10.93 -28.41 -1.59
C GLU C 29 -11.78 -27.16 -1.74
N ALA C 30 -11.64 -26.48 -2.87
CA ALA C 30 -12.34 -25.22 -3.08
C ALA C 30 -13.85 -25.47 -3.13
N THR C 31 -14.24 -26.58 -3.75
CA THR C 31 -15.65 -26.97 -3.79
C THR C 31 -16.19 -27.15 -2.38
N ALA C 32 -15.49 -27.97 -1.61
CA ALA C 32 -15.92 -28.23 -0.23
C ALA C 32 -16.01 -26.93 0.58
N GLU C 33 -15.05 -26.03 0.39
CA GLU C 33 -15.08 -24.77 1.14
C GLU C 33 -16.24 -23.86 0.70
N ALA C 34 -16.57 -23.86 -0.59
CA ALA C 34 -17.65 -23.01 -1.08
C ALA C 34 -18.98 -23.49 -0.48
N TYR C 35 -19.18 -24.79 -0.46
CA TYR C 35 -20.41 -25.36 0.10
C TYR C 35 -20.47 -25.17 1.63
N ARG C 36 -19.32 -25.26 2.29
CA ARG C 36 -19.25 -25.00 3.73
C ARG C 36 -19.62 -23.54 4.04
N TYR C 37 -19.10 -22.63 3.23
CA TYR C 37 -19.38 -21.22 3.42
C TYR C 37 -20.86 -20.92 3.16
N ALA C 38 -21.43 -21.54 2.13
CA ALA C 38 -22.86 -21.39 1.86
C ALA C 38 -23.69 -21.87 3.06
N ALA C 39 -23.33 -23.02 3.62
CA ALA C 39 -24.06 -23.54 4.78
C ALA C 39 -23.99 -22.57 5.95
N LEU C 40 -22.81 -22.03 6.17
CA LEU C 40 -22.64 -21.07 7.25
C LEU C 40 -23.51 -19.83 7.04
N LEU C 41 -23.46 -19.24 5.84
CA LEU C 41 -24.27 -18.05 5.57
C LEU C 41 -25.76 -18.35 5.65
N ALA C 42 -26.13 -19.58 5.35
CA ALA C 42 -27.55 -19.94 5.30
C ALA C 42 -28.18 -19.86 6.69
N LYS C 43 -27.38 -20.03 7.74
CA LYS C 43 -27.90 -19.98 9.11
C LYS C 43 -28.54 -18.63 9.42
N VAL C 44 -28.02 -17.58 8.80
CA VAL C 44 -28.47 -16.21 9.03
C VAL C 44 -29.35 -15.70 7.88
N ASN C 45 -29.06 -16.19 6.68
CA ASN C 45 -29.64 -15.62 5.46
C ASN C 45 -30.68 -16.51 4.78
N GLY C 46 -30.95 -17.66 5.38
CA GLY C 46 -31.94 -18.57 4.84
C GLY C 46 -31.33 -19.66 3.98
N GLU C 47 -32.10 -20.74 3.82
CA GLU C 47 -31.71 -21.89 3.03
C GLU C 47 -31.10 -21.50 1.69
N TYR C 48 -30.00 -22.14 1.31
CA TYR C 48 -29.34 -21.78 0.05
C TYR C 48 -29.63 -22.78 -1.05
N THR C 49 -29.46 -22.34 -2.29
CA THR C 49 -29.39 -23.24 -3.44
C THR C 49 -28.17 -22.85 -4.24
N ALA C 50 -27.44 -23.85 -4.73
CA ALA C 50 -26.22 -23.56 -5.49
C ALA C 50 -26.35 -24.08 -6.90
N ASP C 51 -26.26 -23.17 -7.88
CA ASP C 51 -26.31 -23.54 -9.29
C ASP C 51 -24.90 -23.51 -9.84
N LEU C 52 -24.47 -24.63 -10.41
CA LEU C 52 -23.11 -24.72 -10.90
C LEU C 52 -23.02 -24.40 -12.38
N GLU C 53 -21.92 -23.76 -12.79
CA GLU C 53 -21.62 -23.45 -14.18
C GLU C 53 -20.16 -23.69 -14.46
N ASP C 54 -19.80 -23.75 -15.74
CA ASP C 54 -18.40 -23.87 -16.15
C ASP C 54 -17.70 -25.03 -15.45
N GLY C 55 -18.27 -26.22 -15.56
CA GLY C 55 -17.67 -27.42 -14.97
C GLY C 55 -17.54 -27.37 -13.46
N GLY C 56 -18.35 -26.53 -12.82
CA GLY C 56 -18.30 -26.38 -11.37
C GLY C 56 -17.34 -25.32 -10.90
N ASN C 57 -16.72 -24.59 -11.83
CA ASN C 57 -15.75 -23.57 -11.47
C ASN C 57 -16.40 -22.23 -11.14
N HIS C 58 -17.70 -22.15 -11.39
CA HIS C 58 -18.47 -21.00 -10.99
C HIS C 58 -19.75 -21.46 -10.34
N MET C 59 -20.16 -20.78 -9.28
CA MET C 59 -21.43 -21.07 -8.63
C MET C 59 -22.26 -19.82 -8.46
N ASN C 60 -23.57 -19.97 -8.65
CA ASN C 60 -24.52 -18.97 -8.19
C ASN C 60 -25.24 -19.49 -6.96
N ILE C 61 -24.97 -18.87 -5.81
CA ILE C 61 -25.56 -19.33 -4.56
C ILE C 61 -26.59 -18.31 -4.08
N LYS C 62 -27.86 -18.71 -4.07
CA LYS C 62 -28.96 -17.86 -3.65
C LYS C 62 -29.49 -18.28 -2.29
N PHE C 63 -29.77 -17.29 -1.44
CA PHE C 63 -30.28 -17.53 -0.10
C PHE C 63 -31.74 -17.13 -0.02
N ALA C 64 -32.56 -17.95 0.63
CA ALA C 64 -34.01 -17.81 0.59
C ALA C 64 -34.55 -16.67 1.45
N GLY C 65 -33.72 -16.16 2.36
CA GLY C 65 -34.14 -15.11 3.26
C GLY C 65 -34.54 -15.65 4.62
N GLY D 1 8.71 32.07 -12.43
CA GLY D 1 8.73 30.79 -11.76
C GLY D 1 7.57 30.61 -10.80
N SER D 2 7.45 29.40 -10.25
CA SER D 2 6.41 29.09 -9.29
C SER D 2 6.96 29.19 -7.88
N TYR D 3 6.06 29.16 -6.90
CA TYR D 3 6.45 29.29 -5.51
C TYR D 3 5.71 28.31 -4.62
N ASN D 4 6.37 27.91 -3.53
CA ASN D 4 5.70 27.07 -2.53
C ASN D 4 4.81 27.97 -1.68
N LYS D 5 4.03 27.37 -0.78
CA LYS D 5 3.08 28.17 0.00
C LYS D 5 3.76 29.16 0.94
N ASP D 6 5.03 28.90 1.29
CA ASP D 6 5.80 29.81 2.14
C ASP D 6 6.18 31.09 1.41
N GLN D 7 6.69 30.95 0.19
CA GLN D 7 7.05 32.10 -0.62
C GLN D 7 5.81 32.92 -0.94
N GLN D 8 4.71 32.23 -1.19
CA GLN D 8 3.44 32.89 -1.46
C GLN D 8 3.06 33.75 -0.26
N SER D 9 3.28 33.22 0.94
CA SER D 9 2.89 33.94 2.16
C SER D 9 3.72 35.22 2.36
N ALA D 10 5.02 35.16 2.07
CA ALA D 10 5.87 36.35 2.17
C ALA D 10 5.43 37.41 1.17
N PHE D 11 5.16 36.99 -0.06
N PHE D 11 5.13 36.99 -0.05
CA PHE D 11 4.61 37.86 -1.09
CA PHE D 11 4.62 37.88 -1.07
C PHE D 11 3.36 38.56 -0.58
C PHE D 11 3.34 38.56 -0.61
N TYR D 12 2.44 37.76 -0.03
CA TYR D 12 1.15 38.26 0.43
C TYR D 12 1.33 39.31 1.52
N GLU D 13 2.22 39.05 2.47
CA GLU D 13 2.49 40.02 3.54
C GLU D 13 2.97 41.36 2.99
N ILE D 14 3.96 41.33 2.11
CA ILE D 14 4.51 42.57 1.57
C ILE D 14 3.46 43.30 0.70
N LEU D 15 2.70 42.54 -0.08
CA LEU D 15 1.65 43.12 -0.91
C LEU D 15 0.65 43.93 -0.08
N ASN D 16 0.33 43.42 1.10
CA ASN D 16 -0.68 44.02 1.96
C ASN D 16 -0.18 45.13 2.88
N MET D 17 1.14 45.31 3.00
CA MET D 17 1.66 46.33 3.91
C MET D 17 1.16 47.73 3.54
N PRO D 18 0.52 48.42 4.49
CA PRO D 18 -0.17 49.67 4.14
C PRO D 18 0.73 50.91 4.06
N ASN D 19 1.93 50.86 4.63
CA ASN D 19 2.75 52.07 4.72
C ASN D 19 3.90 52.10 3.74
N LEU D 20 4.03 51.05 2.93
CA LEU D 20 5.04 51.06 1.87
C LEU D 20 4.49 51.84 0.68
N ASN D 21 5.36 52.56 -0.03
CA ASN D 21 4.96 53.11 -1.31
C ASN D 21 5.18 52.03 -2.38
N GLU D 22 4.75 52.28 -3.62
CA GLU D 22 4.78 51.18 -4.60
C GLU D 22 6.18 50.84 -5.12
N ALA D 23 7.09 51.81 -5.05
CA ALA D 23 8.49 51.53 -5.41
C ALA D 23 9.06 50.54 -4.40
N GLN D 24 8.79 50.80 -3.12
CA GLN D 24 9.30 49.94 -2.05
C GLN D 24 8.63 48.57 -2.08
N ARG D 25 7.30 48.56 -2.21
CA ARG D 25 6.59 47.29 -2.29
C ARG D 25 7.15 46.38 -3.38
N ASN D 26 7.30 46.92 -4.59
CA ASN D 26 7.75 46.10 -5.69
C ASN D 26 9.23 45.75 -5.57
N GLY D 27 10.03 46.64 -4.98
CA GLY D 27 11.44 46.34 -4.73
C GLY D 27 11.59 45.13 -3.81
N PHE D 28 10.79 45.09 -2.76
CA PHE D 28 10.84 43.97 -1.82
C PHE D 28 10.31 42.68 -2.44
N ILE D 29 9.23 42.80 -3.22
CA ILE D 29 8.72 41.63 -3.92
C ILE D 29 9.80 41.11 -4.88
N GLN D 30 10.50 42.03 -5.54
CA GLN D 30 11.55 41.62 -6.46
C GLN D 30 12.64 40.86 -5.72
N SER D 31 12.99 41.33 -4.51
CA SER D 31 13.99 40.61 -3.70
C SER D 31 13.55 39.20 -3.34
N LEU D 32 12.26 39.02 -3.06
CA LEU D 32 11.75 37.69 -2.73
C LEU D 32 11.92 36.75 -3.91
N LYS D 33 11.66 37.25 -5.11
CA LYS D 33 11.91 36.48 -6.32
C LYS D 33 13.40 36.23 -6.52
N ASP D 34 14.23 37.24 -6.26
CA ASP D 34 15.67 37.13 -6.50
C ASP D 34 16.34 35.98 -5.74
N ASP D 35 16.03 35.89 -4.45
CA ASP D 35 16.78 35.00 -3.55
C ASP D 35 15.84 34.44 -2.49
N PRO D 36 15.20 33.31 -2.80
CA PRO D 36 14.29 32.64 -1.87
C PRO D 36 14.93 32.33 -0.51
N SER D 37 16.22 32.03 -0.48
CA SER D 37 16.91 31.73 0.78
C SER D 37 16.86 32.91 1.76
N GLN D 38 16.58 34.10 1.24
CA GLN D 38 16.56 35.30 2.06
C GLN D 38 15.15 35.75 2.46
N SER D 39 14.15 34.92 2.21
N SER D 39 14.15 34.92 2.20
CA SER D 39 12.75 35.30 2.40
CA SER D 39 12.75 35.30 2.40
C SER D 39 12.46 35.88 3.78
C SER D 39 12.47 35.89 3.78
N THR D 40 12.92 35.20 4.82
CA THR D 40 12.71 35.66 6.19
C THR D 40 13.39 36.99 6.44
N ASN D 41 14.65 37.12 6.00
CA ASN D 41 15.37 38.36 6.17
C ASN D 41 14.70 39.52 5.43
N VAL D 42 14.26 39.26 4.21
CA VAL D 42 13.64 40.30 3.38
C VAL D 42 12.33 40.75 4.00
N LEU D 43 11.52 39.79 4.42
CA LEU D 43 10.25 40.11 5.07
C LEU D 43 10.47 40.94 6.33
N GLY D 44 11.54 40.64 7.07
CA GLY D 44 11.81 41.34 8.31
C GLY D 44 12.17 42.79 8.04
N GLU D 45 12.96 43.03 7.01
CA GLU D 45 13.31 44.40 6.63
C GLU D 45 12.11 45.15 6.06
N ALA D 46 11.25 44.46 5.32
CA ALA D 46 10.04 45.09 4.80
C ALA D 46 9.15 45.55 5.98
N LYS D 47 9.02 44.69 6.98
CA LYS D 47 8.22 45.04 8.16
C LYS D 47 8.79 46.23 8.90
N LYS D 48 10.12 46.30 9.01
CA LYS D 48 10.76 47.40 9.73
C LYS D 48 10.48 48.71 9.02
N LEU D 49 10.59 48.69 7.69
CA LEU D 49 10.37 49.88 6.88
C LEU D 49 8.90 50.28 6.94
N ASN D 50 8.00 49.30 6.84
CA ASN D 50 6.58 49.57 6.94
C ASN D 50 6.23 50.23 8.27
N GLU D 51 6.80 49.72 9.35
CA GLU D 51 6.54 50.26 10.68
C GLU D 51 7.07 51.67 10.83
N SER D 52 8.26 51.91 10.27
CA SER D 52 8.88 53.23 10.40
C SER D 52 8.12 54.28 9.60
N GLN D 53 7.31 53.86 8.63
CA GLN D 53 6.57 54.80 7.80
C GLN D 53 5.09 54.90 8.20
N ALA D 54 4.75 54.40 9.37
CA ALA D 54 3.39 54.50 9.90
C ALA D 54 3.01 55.95 10.19
OAB MRY E . -7.10 1.82 8.54
CAA MRY E . -7.74 0.95 9.48
CAC MRY E . -9.19 1.34 9.70
OAD MRY E . -9.85 1.62 8.45
CAE MRY E . -9.90 0.15 10.34
OAF MRY E . -9.47 -0.12 11.68
CAG MRY E . -11.41 0.33 10.30
OAH MRY E . -11.79 -0.51 9.21
#